data_5FE5
#
_entry.id   5FE5
#
_cell.length_a   100.149
_cell.length_b   100.149
_cell.length_c   99.538
_cell.angle_alpha   90.00
_cell.angle_beta   90.00
_cell.angle_gamma   120.00
#
_symmetry.space_group_name_H-M   'H 3'
#
loop_
_entity.id
_entity.type
_entity.pdbx_description
1 polymer 'Histone acetyltransferase KAT2B'
2 non-polymer 1,2-ETHANEDIOL
3 non-polymer 'DIMETHYL SULFOXIDE'
4 non-polymer 1-[4-(1,2,3-thiadiazol-4-yl)phenyl]methanamine
5 water water
#
_entity_poly.entity_id   1
_entity_poly.type   'polypeptide(L)'
_entity_poly.pdbx_seq_one_letter_code
;SMGKEKSKEPRDPDQLYSTLKSILQQVKSHQSAWPFMEPVKRTEAPGYYEVIRFPMDLKTMSERLKNRYYVSKKLFMADL
QRVFTNCKEYNPPESEYYKCANILEKFFFSKIKEAGLID
;
_entity_poly.pdbx_strand_id   A,B
#
# COMPACT_ATOMS: atom_id res chain seq x y z
N ASP A 12 -15.48 -16.21 22.29
CA ASP A 12 -15.90 -17.42 21.53
C ASP A 12 -14.83 -17.77 20.47
N PRO A 13 -15.06 -18.82 19.65
CA PRO A 13 -14.26 -19.03 18.43
C PRO A 13 -14.34 -17.85 17.43
N ASP A 14 -15.45 -17.12 17.46
CA ASP A 14 -15.58 -15.90 16.65
C ASP A 14 -14.76 -14.69 17.09
N GLN A 15 -13.61 -14.87 17.76
CA GLN A 15 -12.79 -13.71 18.22
C GLN A 15 -12.22 -12.92 17.03
N LEU A 16 -11.70 -13.63 16.04
CA LEU A 16 -11.18 -12.97 14.83
C LEU A 16 -12.29 -12.22 14.10
N TYR A 17 -13.39 -12.92 13.84
CA TYR A 17 -14.58 -12.34 13.22
C TYR A 17 -15.09 -11.09 13.95
N SER A 18 -15.20 -11.17 15.28
CA SER A 18 -15.71 -10.05 16.07
CA SER A 18 -15.71 -10.05 16.07
C SER A 18 -14.77 -8.85 15.99
N THR A 19 -13.46 -9.12 16.03
CA THR A 19 -12.44 -8.08 15.95
C THR A 19 -12.49 -7.41 14.59
N LEU A 20 -12.61 -8.20 13.53
CA LEU A 20 -12.60 -7.67 12.17
C LEU A 20 -13.88 -6.90 11.87
N LYS A 21 -14.99 -7.42 12.34
CA LYS A 21 -16.27 -6.74 12.20
C LYS A 21 -16.25 -5.36 12.88
N SER A 22 -15.70 -5.30 14.08
CA SER A 22 -15.53 -4.02 14.79
C SER A 22 -14.63 -3.09 13.98
N ILE A 23 -13.48 -3.59 13.51
CA ILE A 23 -12.57 -2.75 12.73
C ILE A 23 -13.23 -2.23 11.45
N LEU A 24 -13.84 -3.11 10.69
CA LEU A 24 -14.51 -2.74 9.43
C LEU A 24 -15.66 -1.72 9.64
N GLN A 25 -16.40 -1.89 10.73
CA GLN A 25 -17.50 -0.97 11.07
C GLN A 25 -17.03 0.44 11.41
N GLN A 26 -15.96 0.50 12.19
CA GLN A 26 -15.36 1.77 12.52
C GLN A 26 -14.83 2.45 11.26
N VAL A 27 -14.16 1.68 10.39
CA VAL A 27 -13.69 2.23 9.12
C VAL A 27 -14.87 2.77 8.28
N LYS A 28 -15.93 1.96 8.15
CA LYS A 28 -17.13 2.35 7.38
C LYS A 28 -17.88 3.58 7.92
N SER A 29 -17.81 3.82 9.24
CA SER A 29 -18.44 4.98 9.87
C SER A 29 -17.61 6.25 9.79
N HIS A 30 -16.35 6.12 9.38
CA HIS A 30 -15.44 7.24 9.37
C HIS A 30 -15.91 8.20 8.28
N GLN A 31 -15.81 9.48 8.56
CA GLN A 31 -16.20 10.51 7.61
C GLN A 31 -15.40 10.56 6.28
N SER A 32 -14.16 10.08 6.25
CA SER A 32 -13.38 9.91 5.00
C SER A 32 -13.62 8.59 4.23
N ALA A 33 -14.55 7.75 4.70
CA ALA A 33 -14.85 6.48 4.02
C ALA A 33 -15.77 6.58 2.82
N TRP A 34 -16.41 7.71 2.61
CA TRP A 34 -17.51 7.81 1.60
C TRP A 34 -17.09 7.43 0.16
N PRO A 35 -15.83 7.71 -0.24
CA PRO A 35 -15.43 7.30 -1.58
C PRO A 35 -15.28 5.77 -1.82
N PHE A 36 -15.23 5.00 -0.74
CA PHE A 36 -14.83 3.60 -0.77
C PHE A 36 -15.98 2.69 -0.45
N MET A 37 -17.15 3.27 -0.35
CA MET A 37 -18.25 2.58 0.25
C MET A 37 -18.86 1.55 -0.67
N GLU A 38 -18.76 1.72 -1.99
CA GLU A 38 -19.25 0.76 -2.98
C GLU A 38 -18.29 0.60 -4.14
N PRO A 39 -18.47 -0.44 -5.00
CA PRO A 39 -17.59 -0.57 -6.17
C PRO A 39 -17.53 0.69 -7.06
N VAL A 40 -16.35 0.98 -7.56
CA VAL A 40 -16.17 2.04 -8.57
C VAL A 40 -17.02 1.76 -9.81
N LYS A 41 -17.71 2.80 -10.30
CA LYS A 41 -18.53 2.70 -11.52
C LYS A 41 -17.70 3.07 -12.77
N ARG A 42 -17.75 2.21 -13.79
CA ARG A 42 -17.07 2.47 -15.09
C ARG A 42 -17.41 3.83 -15.66
N THR A 43 -18.68 4.21 -15.50
CA THR A 43 -19.15 5.50 -15.98
C THR A 43 -18.39 6.63 -15.32
N GLU A 44 -18.21 6.54 -14.00
CA GLU A 44 -17.56 7.61 -13.25
C GLU A 44 -16.03 7.60 -13.27
N ALA A 45 -15.41 6.58 -13.86
CA ALA A 45 -13.95 6.42 -13.76
C ALA A 45 -13.31 5.90 -15.06
N PRO A 46 -13.04 6.81 -16.02
CA PRO A 46 -12.48 6.38 -17.30
C PRO A 46 -11.18 5.58 -17.17
N GLY A 47 -11.11 4.41 -17.81
CA GLY A 47 -9.90 3.61 -17.77
C GLY A 47 -9.64 2.87 -16.47
N TYR A 48 -10.56 2.98 -15.50
CA TYR A 48 -10.31 2.45 -14.17
C TYR A 48 -10.02 0.94 -14.21
N TYR A 49 -10.95 0.18 -14.77
CA TYR A 49 -10.84 -1.27 -14.79
C TYR A 49 -9.76 -1.80 -15.75
N GLU A 50 -9.22 -0.92 -16.58
CA GLU A 50 -8.07 -1.22 -17.41
C GLU A 50 -6.78 -1.10 -16.56
N VAL A 51 -6.74 -0.16 -15.61
CA VAL A 51 -5.52 0.05 -14.80
C VAL A 51 -5.53 -0.74 -13.49
N ILE A 52 -6.68 -0.78 -12.83
CA ILE A 52 -6.82 -1.40 -11.53
C ILE A 52 -7.27 -2.85 -11.69
N ARG A 53 -6.37 -3.78 -11.48
CA ARG A 53 -6.67 -5.19 -11.72
C ARG A 53 -7.43 -5.91 -10.60
N PHE A 54 -7.26 -5.47 -9.36
CA PHE A 54 -7.98 -6.04 -8.19
C PHE A 54 -8.78 -4.97 -7.45
N PRO A 55 -9.93 -4.59 -8.02
CA PRO A 55 -10.78 -3.57 -7.41
C PRO A 55 -11.27 -4.05 -6.04
N MET A 56 -11.45 -3.13 -5.11
CA MET A 56 -11.97 -3.48 -3.80
C MET A 56 -12.69 -2.29 -3.19
N ASP A 57 -13.71 -2.58 -2.39
CA ASP A 57 -14.49 -1.55 -1.71
C ASP A 57 -15.04 -2.13 -0.42
N LEU A 58 -15.59 -1.26 0.40
CA LEU A 58 -16.01 -1.63 1.74
C LEU A 58 -17.31 -2.42 1.81
N LYS A 59 -18.16 -2.27 0.79
CA LYS A 59 -19.36 -3.07 0.65
C LYS A 59 -18.97 -4.53 0.37
N THR A 60 -18.12 -4.72 -0.62
CA THR A 60 -17.61 -6.06 -0.92
C THR A 60 -16.91 -6.67 0.31
N MET A 61 -16.16 -5.84 1.03
CA MET A 61 -15.47 -6.35 2.22
C MET A 61 -16.46 -6.84 3.26
N SER A 62 -17.55 -6.09 3.42
CA SER A 62 -18.61 -6.47 4.35
C SER A 62 -19.23 -7.80 3.99
N GLU A 63 -19.43 -8.06 2.69
CA GLU A 63 -19.95 -9.34 2.26
C GLU A 63 -18.98 -10.46 2.51
N ARG A 64 -17.71 -10.25 2.10
CA ARG A 64 -16.64 -11.19 2.36
C ARG A 64 -16.56 -11.55 3.83
N LEU A 65 -16.62 -10.54 4.69
CA LEU A 65 -16.61 -10.79 6.11
C LEU A 65 -17.81 -11.66 6.51
N LYS A 66 -19.00 -11.24 6.11
CA LYS A 66 -20.22 -12.00 6.44
C LYS A 66 -20.17 -13.41 5.87
N ASN A 67 -19.57 -13.55 4.69
CA ASN A 67 -19.38 -14.85 4.07
C ASN A 67 -18.23 -15.69 4.66
N ARG A 68 -17.65 -15.25 5.78
CA ARG A 68 -16.60 -16.00 6.47
C ARG A 68 -15.34 -16.25 5.58
N TYR A 69 -15.02 -15.27 4.72
CA TYR A 69 -13.79 -15.32 3.86
C TYR A 69 -12.54 -14.97 4.67
N TYR A 70 -12.67 -14.03 5.61
CA TYR A 70 -11.53 -13.54 6.35
C TYR A 70 -11.11 -14.52 7.48
N VAL A 71 -10.58 -15.67 7.09
CA VAL A 71 -10.10 -16.67 8.06
C VAL A 71 -8.74 -16.29 8.66
N SER A 72 -8.13 -15.21 8.17
CA SER A 72 -6.89 -14.71 8.73
C SER A 72 -6.88 -13.20 8.70
N LYS A 73 -6.11 -12.65 9.63
CA LYS A 73 -5.86 -11.25 9.65
C LYS A 73 -5.25 -10.74 8.32
N LYS A 74 -4.35 -11.51 7.75
CA LYS A 74 -3.65 -11.16 6.50
C LYS A 74 -4.59 -10.98 5.29
N LEU A 75 -5.59 -11.84 5.17
CA LEU A 75 -6.57 -11.67 4.08
C LEU A 75 -7.36 -10.37 4.23
N PHE A 76 -7.73 -10.01 5.46
CA PHE A 76 -8.46 -8.76 5.73
C PHE A 76 -7.64 -7.51 5.45
N MET A 77 -6.41 -7.48 6.00
CA MET A 77 -5.46 -6.39 5.78
C MET A 77 -5.09 -6.20 4.33
N ALA A 78 -5.00 -7.28 3.54
CA ALA A 78 -4.71 -7.13 2.11
C ALA A 78 -5.83 -6.44 1.34
N ASP A 79 -7.10 -6.80 1.61
CA ASP A 79 -8.26 -6.19 0.93
C ASP A 79 -8.37 -4.71 1.28
N LEU A 80 -8.30 -4.42 2.55
CA LEU A 80 -8.43 -3.05 2.97
C LEU A 80 -7.29 -2.17 2.52
N GLN A 81 -6.07 -2.70 2.58
CA GLN A 81 -4.94 -1.97 2.03
C GLN A 81 -5.11 -1.69 0.54
N ARG A 82 -5.66 -2.69 -0.16
CA ARG A 82 -5.95 -2.55 -1.59
C ARG A 82 -6.95 -1.43 -1.91
N VAL A 83 -7.91 -1.20 -1.04
CA VAL A 83 -8.83 -0.09 -1.26
C VAL A 83 -8.04 1.23 -1.37
N PHE A 84 -7.11 1.42 -0.44
CA PHE A 84 -6.26 2.63 -0.46
C PHE A 84 -5.30 2.72 -1.59
N THR A 85 -4.58 1.63 -1.87
CA THR A 85 -3.55 1.69 -2.89
C THR A 85 -4.16 1.81 -4.27
N ASN A 86 -5.33 1.17 -4.51
CA ASN A 86 -6.03 1.38 -5.81
C ASN A 86 -6.36 2.84 -6.00
N CYS A 87 -6.95 3.43 -4.98
CA CYS A 87 -7.31 4.86 -5.02
C CYS A 87 -6.09 5.74 -5.31
N LYS A 88 -5.01 5.49 -4.60
CA LYS A 88 -3.83 6.34 -4.74
C LYS A 88 -3.16 6.17 -6.10
N GLU A 89 -3.21 4.99 -6.71
CA GLU A 89 -2.69 4.83 -8.07
C GLU A 89 -3.52 5.57 -9.12
N TYR A 90 -4.85 5.50 -8.96
CA TYR A 90 -5.78 6.02 -9.93
C TYR A 90 -5.89 7.54 -9.88
N ASN A 91 -6.03 8.11 -8.71
CA ASN A 91 -6.39 9.51 -8.57
C ASN A 91 -5.21 10.47 -8.42
N PRO A 92 -5.35 11.75 -8.87
CA PRO A 92 -4.24 12.73 -8.69
C PRO A 92 -3.95 12.93 -7.21
N PRO A 93 -2.66 13.19 -6.87
CA PRO A 93 -2.18 13.16 -5.48
C PRO A 93 -2.82 14.21 -4.57
N GLU A 94 -3.36 15.27 -5.16
CA GLU A 94 -3.99 16.32 -4.39
C GLU A 94 -5.51 16.28 -4.53
N SER A 95 -6.04 15.25 -5.18
CA SER A 95 -7.50 15.05 -5.25
C SER A 95 -8.06 14.75 -3.88
N GLU A 96 -9.32 15.10 -3.69
CA GLU A 96 -10.03 14.80 -2.46
C GLU A 96 -10.09 13.28 -2.17
N TYR A 97 -10.20 12.46 -3.21
CA TYR A 97 -10.17 11.01 -3.02
C TYR A 97 -8.84 10.55 -2.41
N TYR A 98 -7.73 11.03 -2.98
CA TYR A 98 -6.38 10.65 -2.51
C TYR A 98 -6.22 11.10 -1.06
N LYS A 99 -6.64 12.33 -0.74
CA LYS A 99 -6.65 12.77 0.66
C LYS A 99 -7.44 11.86 1.64
N CYS A 100 -8.67 11.48 1.23
CA CYS A 100 -9.49 10.55 2.01
C CYS A 100 -8.79 9.22 2.23
N ALA A 101 -8.17 8.68 1.17
CA ALA A 101 -7.46 7.42 1.30
C ALA A 101 -6.42 7.47 2.40
N ASN A 102 -5.61 8.51 2.44
CA ASN A 102 -4.53 8.56 3.39
C ASN A 102 -5.00 8.82 4.82
N ILE A 103 -6.06 9.61 4.95
CA ILE A 103 -6.67 9.82 6.24
C ILE A 103 -7.19 8.48 6.73
N LEU A 104 -7.97 7.80 5.91
CA LEU A 104 -8.64 6.57 6.34
C LEU A 104 -7.60 5.47 6.54
N GLU A 105 -6.58 5.43 5.66
CA GLU A 105 -5.41 4.55 5.86
C GLU A 105 -4.72 4.77 7.24
N LYS A 106 -4.44 6.04 7.62
CA LYS A 106 -3.89 6.30 8.94
C LYS A 106 -4.79 5.69 10.03
N PHE A 107 -6.10 5.89 9.89
CA PHE A 107 -7.05 5.39 10.88
C PHE A 107 -7.04 3.86 10.91
N PHE A 108 -7.04 3.24 9.75
CA PHE A 108 -6.91 1.79 9.58
C PHE A 108 -5.68 1.21 10.30
N PHE A 109 -4.46 1.74 10.01
CA PHE A 109 -3.24 1.25 10.70
C PHE A 109 -3.32 1.45 12.23
N SER A 110 -3.92 2.55 12.70
CA SER A 110 -4.07 2.73 14.14
CA SER A 110 -4.11 2.76 14.14
C SER A 110 -5.01 1.69 14.75
N LYS A 111 -6.10 1.37 14.08
CA LYS A 111 -7.07 0.37 14.60
C LYS A 111 -6.47 -1.04 14.58
N ILE A 112 -5.73 -1.39 13.54
CA ILE A 112 -5.14 -2.72 13.51
C ILE A 112 -4.05 -2.87 14.59
N LYS A 113 -3.29 -1.80 14.87
CA LYS A 113 -2.35 -1.76 15.97
C LYS A 113 -3.09 -1.85 17.33
N GLU A 114 -4.12 -1.03 17.54
CA GLU A 114 -4.92 -1.10 18.79
C GLU A 114 -5.36 -2.52 19.11
N ALA A 115 -5.93 -3.19 18.13
CA ALA A 115 -6.42 -4.56 18.29
C ALA A 115 -5.33 -5.63 18.45
N GLY A 116 -4.05 -5.25 18.35
CA GLY A 116 -2.97 -6.23 18.37
C GLY A 116 -2.94 -7.18 17.18
N LEU A 117 -3.50 -6.79 16.04
CA LEU A 117 -3.41 -7.60 14.83
C LEU A 117 -2.02 -7.59 14.15
N ILE A 118 -1.18 -6.58 14.45
CA ILE A 118 0.25 -6.57 14.05
C ILE A 118 1.09 -6.25 15.30
N ASP A 119 2.27 -6.89 15.39
CA ASP A 119 3.11 -7.02 16.61
C ASP A 119 4.23 -6.02 16.68
N ARG B 11 13.49 -3.11 -27.59
CA ARG B 11 12.94 -4.45 -27.20
C ARG B 11 11.80 -4.34 -26.18
N ASP B 12 10.99 -5.39 -26.04
CA ASP B 12 9.81 -5.39 -25.16
C ASP B 12 10.17 -5.63 -23.67
N PRO B 13 10.96 -6.70 -23.35
CA PRO B 13 11.60 -6.82 -22.01
C PRO B 13 12.57 -5.66 -21.66
N ASP B 14 13.22 -5.09 -22.68
CA ASP B 14 14.16 -3.99 -22.50
C ASP B 14 13.46 -2.67 -22.33
N GLN B 15 12.31 -2.51 -22.98
CA GLN B 15 11.48 -1.34 -22.77
C GLN B 15 10.96 -1.34 -21.29
N LEU B 16 10.49 -2.48 -20.81
CA LEU B 16 10.00 -2.56 -19.41
C LEU B 16 11.14 -2.24 -18.43
N TYR B 17 12.28 -2.91 -18.65
CA TYR B 17 13.49 -2.68 -17.86
C TYR B 17 13.93 -1.23 -17.83
N SER B 18 13.98 -0.59 -19.00
CA SER B 18 14.43 0.79 -19.10
C SER B 18 13.46 1.69 -18.34
N THR B 19 12.17 1.42 -18.49
CA THR B 19 11.14 2.22 -17.84
C THR B 19 11.22 2.08 -16.30
N LEU B 20 11.40 0.86 -15.83
CA LEU B 20 11.47 0.58 -14.38
C LEU B 20 12.77 1.15 -13.78
N LYS B 21 13.86 1.02 -14.50
CA LYS B 21 15.13 1.62 -14.08
C LYS B 21 15.04 3.14 -13.93
N SER B 22 14.45 3.80 -14.92
CA SER B 22 14.18 5.24 -14.82
C SER B 22 13.30 5.55 -13.59
N ILE B 23 12.20 4.85 -13.45
CA ILE B 23 11.29 5.09 -12.32
C ILE B 23 11.98 4.89 -10.98
N LEU B 24 12.66 3.76 -10.84
CA LEU B 24 13.39 3.44 -9.59
C LEU B 24 14.49 4.47 -9.27
N GLN B 25 15.17 4.94 -10.29
CA GLN B 25 16.23 5.95 -10.10
C GLN B 25 15.71 7.32 -9.63
N GLN B 26 14.56 7.69 -10.19
CA GLN B 26 13.90 8.89 -9.78
C GLN B 26 13.43 8.79 -8.33
N VAL B 27 12.79 7.69 -8.00
CA VAL B 27 12.35 7.42 -6.62
C VAL B 27 13.55 7.48 -5.66
N LYS B 28 14.65 6.83 -6.03
CA LYS B 28 15.88 6.85 -5.23
C LYS B 28 16.52 8.22 -5.02
N SER B 29 16.39 9.13 -5.99
CA SER B 29 16.91 10.48 -5.89
C SER B 29 16.05 11.41 -5.11
N HIS B 30 14.83 11.01 -4.84
CA HIS B 30 13.87 11.90 -4.20
C HIS B 30 14.35 12.17 -2.74
N GLN B 31 14.14 13.39 -2.27
CA GLN B 31 14.54 13.82 -0.96
C GLN B 31 13.86 13.07 0.23
N SER B 32 12.66 12.56 0.04
CA SER B 32 11.98 11.67 1.00
C SER B 32 12.33 10.17 0.93
N ALA B 33 13.29 9.80 0.07
CA ALA B 33 13.67 8.37 -0.08
C ALA B 33 14.68 7.91 0.93
N TRP B 34 15.29 8.81 1.67
CA TRP B 34 16.46 8.48 2.52
C TRP B 34 16.18 7.36 3.55
N PRO B 35 14.94 7.26 4.10
CA PRO B 35 14.70 6.18 5.05
C PRO B 35 14.68 4.76 4.45
N PHE B 36 14.53 4.68 3.11
CA PHE B 36 14.21 3.45 2.41
C PHE B 36 15.37 2.99 1.52
N MET B 37 16.51 3.62 1.67
CA MET B 37 17.61 3.47 0.70
C MET B 37 18.31 2.09 0.81
N GLU B 38 18.41 1.58 2.01
CA GLU B 38 19.08 0.29 2.28
C GLU B 38 18.27 -0.49 3.30
N PRO B 39 18.53 -1.80 3.47
CA PRO B 39 17.83 -2.58 4.50
C PRO B 39 17.90 -1.90 5.85
N VAL B 40 16.82 -1.88 6.55
CA VAL B 40 16.83 -1.34 7.93
C VAL B 40 17.94 -1.99 8.79
N LYS B 41 18.69 -1.18 9.50
CA LYS B 41 19.77 -1.63 10.38
C LYS B 41 19.24 -1.91 11.82
N ARG B 42 19.56 -3.10 12.34
CA ARG B 42 19.22 -3.49 13.73
CA ARG B 42 19.22 -3.49 13.73
C ARG B 42 19.70 -2.46 14.75
N THR B 43 20.90 -1.92 14.50
CA THR B 43 21.52 -0.93 15.37
C THR B 43 20.61 0.29 15.45
N GLU B 44 20.03 0.68 14.34
CA GLU B 44 19.06 1.77 14.34
C GLU B 44 17.69 1.32 14.81
N ALA B 45 17.28 0.07 14.61
CA ALA B 45 15.91 -0.38 14.97
C ALA B 45 15.90 -1.83 15.53
N PRO B 46 16.37 -2.02 16.77
CA PRO B 46 16.46 -3.37 17.36
C PRO B 46 15.07 -4.02 17.37
N GLY B 47 14.97 -5.26 16.91
CA GLY B 47 13.65 -5.94 16.88
C GLY B 47 12.72 -5.59 15.72
N TYR B 48 13.19 -4.75 14.80
CA TYR B 48 12.50 -4.53 13.54
C TYR B 48 12.22 -5.85 12.85
N TYR B 49 13.26 -6.66 12.74
CA TYR B 49 13.19 -7.92 12.04
C TYR B 49 12.38 -9.01 12.76
N GLU B 50 12.02 -8.75 14.02
CA GLU B 50 11.03 -9.61 14.73
C GLU B 50 9.62 -9.22 14.33
N VAL B 51 9.42 -7.95 14.01
CA VAL B 51 8.09 -7.43 13.68
C VAL B 51 7.78 -7.51 12.17
N ILE B 52 8.72 -7.05 11.33
CA ILE B 52 8.51 -6.97 9.91
C ILE B 52 9.02 -8.25 9.26
N ARG B 53 8.10 -9.05 8.76
CA ARG B 53 8.44 -10.34 8.19
C ARG B 53 8.91 -10.35 6.75
N PHE B 54 8.46 -9.36 5.97
CA PHE B 54 8.91 -9.20 4.56
C PHE B 54 9.59 -7.83 4.34
N PRO B 55 10.80 -7.65 4.87
CA PRO B 55 11.54 -6.41 4.65
C PRO B 55 11.78 -6.10 3.17
N MET B 56 11.78 -4.84 2.81
CA MET B 56 12.10 -4.44 1.43
C MET B 56 12.67 -3.05 1.51
N ASP B 57 13.59 -2.76 0.62
CA ASP B 57 14.21 -1.44 0.54
C ASP B 57 14.62 -1.21 -0.95
N LEU B 58 15.06 -0.01 -1.23
CA LEU B 58 15.39 0.40 -2.58
C LEU B 58 16.68 -0.17 -3.16
N LYS B 59 17.63 -0.51 -2.30
CA LYS B 59 18.85 -1.18 -2.72
C LYS B 59 18.54 -2.60 -3.18
N THR B 60 17.83 -3.34 -2.34
CA THR B 60 17.35 -4.65 -2.72
C THR B 60 16.55 -4.60 -4.03
N MET B 61 15.73 -3.57 -4.20
CA MET B 61 15.01 -3.41 -5.43
C MET B 61 15.94 -3.20 -6.65
N SER B 62 16.96 -2.39 -6.46
CA SER B 62 17.95 -2.13 -7.53
C SER B 62 18.66 -3.41 -7.97
N GLU B 63 18.93 -4.29 -7.02
CA GLU B 63 19.57 -5.56 -7.33
C GLU B 63 18.61 -6.51 -8.03
N ARG B 64 17.37 -6.59 -7.54
CA ARG B 64 16.31 -7.34 -8.20
C ARG B 64 16.12 -6.90 -9.65
N LEU B 65 16.08 -5.59 -9.86
CA LEU B 65 16.00 -5.03 -11.20
C LEU B 65 17.17 -5.50 -12.05
N LYS B 66 18.39 -5.30 -11.57
CA LYS B 66 19.58 -5.73 -12.31
CA LYS B 66 19.58 -5.74 -12.32
C LYS B 66 19.60 -7.24 -12.56
N ASN B 67 19.10 -8.01 -11.59
CA ASN B 67 18.97 -9.45 -11.75
C ASN B 67 17.78 -9.89 -12.61
N ARG B 68 17.11 -8.96 -13.29
CA ARG B 68 16.01 -9.27 -14.21
C ARG B 68 14.82 -9.97 -13.57
N TYR B 69 14.55 -9.66 -12.29
CA TYR B 69 13.40 -10.19 -11.57
C TYR B 69 12.08 -9.52 -12.02
N TYR B 70 12.14 -8.23 -12.31
CA TYR B 70 10.91 -7.48 -12.60
C TYR B 70 10.45 -7.73 -14.04
N VAL B 71 9.94 -8.93 -14.31
CA VAL B 71 9.38 -9.27 -15.62
C VAL B 71 7.97 -8.70 -15.84
N SER B 72 7.38 -8.09 -14.79
CA SER B 72 6.09 -7.43 -14.91
C SER B 72 5.98 -6.20 -14.04
N LYS B 73 5.09 -5.30 -14.43
CA LYS B 73 4.74 -4.14 -13.62
C LYS B 73 4.33 -4.55 -12.21
N LYS B 74 3.48 -5.57 -12.13
CA LYS B 74 2.94 -5.99 -10.82
C LYS B 74 3.98 -6.47 -9.82
N LEU B 75 5.05 -7.12 -10.29
CA LEU B 75 6.13 -7.49 -9.37
C LEU B 75 6.86 -6.27 -8.82
N PHE B 76 7.09 -5.26 -9.67
CA PHE B 76 7.78 -4.05 -9.25
C PHE B 76 6.94 -3.24 -8.26
N MET B 77 5.66 -3.10 -8.56
CA MET B 77 4.71 -2.41 -7.72
C MET B 77 4.57 -3.07 -6.36
N ALA B 78 4.61 -4.39 -6.33
CA ALA B 78 4.44 -5.09 -5.06
C ALA B 78 5.62 -4.83 -4.10
N ASP B 79 6.84 -4.85 -4.62
CA ASP B 79 8.04 -4.57 -3.80
C ASP B 79 8.04 -3.12 -3.28
N LEU B 80 7.84 -2.18 -4.18
CA LEU B 80 7.82 -0.81 -3.77
C LEU B 80 6.69 -0.54 -2.79
N GLN B 81 5.51 -1.07 -3.05
CA GLN B 81 4.40 -0.90 -2.10
CA GLN B 81 4.39 -0.92 -2.12
C GLN B 81 4.71 -1.50 -0.73
N ARG B 82 5.41 -2.60 -0.71
CA ARG B 82 5.87 -3.24 0.52
C ARG B 82 6.79 -2.38 1.33
N VAL B 83 7.64 -1.59 0.66
CA VAL B 83 8.47 -0.64 1.38
C VAL B 83 7.56 0.28 2.20
N PHE B 84 6.53 0.81 1.53
CA PHE B 84 5.61 1.78 2.23
C PHE B 84 4.79 1.13 3.31
N THR B 85 4.28 -0.07 3.06
CA THR B 85 3.42 -0.75 4.05
C THR B 85 4.22 -1.25 5.27
N ASN B 86 5.48 -1.67 5.07
CA ASN B 86 6.36 -1.96 6.22
C ASN B 86 6.54 -0.71 7.11
N CYS B 87 6.88 0.40 6.47
CA CYS B 87 7.05 1.64 7.18
C CYS B 87 5.79 2.04 7.97
N LYS B 88 4.63 1.94 7.34
CA LYS B 88 3.39 2.33 8.01
C LYS B 88 2.94 1.30 9.11
N GLU B 89 3.27 0.02 8.97
CA GLU B 89 3.04 -0.96 10.07
C GLU B 89 3.98 -0.78 11.26
N TYR B 90 5.22 -0.39 10.99
CA TYR B 90 6.21 -0.23 12.02
C TYR B 90 6.09 1.09 12.80
N ASN B 91 5.87 2.21 12.08
CA ASN B 91 5.97 3.56 12.62
C ASN B 91 4.63 4.26 12.90
N PRO B 92 4.59 5.13 13.95
CA PRO B 92 3.43 6.02 14.16
C PRO B 92 3.18 7.00 12.95
N PRO B 93 1.94 7.42 12.72
CA PRO B 93 1.53 8.29 11.58
C PRO B 93 2.17 9.69 11.53
N GLU B 94 2.60 10.17 12.69
CA GLU B 94 3.18 11.47 12.71
CA GLU B 94 3.23 11.45 12.92
C GLU B 94 4.72 11.41 12.78
N SER B 95 5.29 10.19 12.72
CA SER B 95 6.75 10.06 12.61
C SER B 95 7.20 10.57 11.27
N GLU B 96 8.44 11.03 11.23
CA GLU B 96 9.05 11.47 9.99
C GLU B 96 9.11 10.34 8.92
N TYR B 97 9.32 9.11 9.36
CA TYR B 97 9.36 7.96 8.44
C TYR B 97 8.04 7.79 7.72
N TYR B 98 6.96 7.82 8.48
CA TYR B 98 5.62 7.68 7.94
C TYR B 98 5.32 8.83 6.95
N LYS B 99 5.60 10.07 7.33
CA LYS B 99 5.48 11.20 6.42
C LYS B 99 6.25 11.03 5.09
N CYS B 100 7.54 10.63 5.19
CA CYS B 100 8.33 10.30 4.02
C CYS B 100 7.65 9.27 3.13
N ALA B 101 7.12 8.22 3.72
CA ALA B 101 6.48 7.17 2.95
C ALA B 101 5.33 7.73 2.07
N ASN B 102 4.47 8.56 2.65
CA ASN B 102 3.30 9.07 1.92
C ASN B 102 3.70 10.09 0.84
N ILE B 103 4.77 10.85 1.11
CA ILE B 103 5.32 11.78 0.13
C ILE B 103 5.91 11.01 -1.04
N LEU B 104 6.77 10.08 -0.74
CA LEU B 104 7.43 9.27 -1.76
C LEU B 104 6.42 8.43 -2.54
N GLU B 105 5.46 7.85 -1.84
CA GLU B 105 4.35 7.15 -2.51
C GLU B 105 3.61 8.03 -3.52
N LYS B 106 3.22 9.24 -3.13
CA LYS B 106 2.58 10.16 -4.11
C LYS B 106 3.46 10.34 -5.35
N PHE B 107 4.75 10.56 -5.12
CA PHE B 107 5.70 10.78 -6.21
C PHE B 107 5.81 9.53 -7.10
N PHE B 108 5.93 8.38 -6.47
CA PHE B 108 5.91 7.07 -7.12
C PHE B 108 4.73 6.89 -8.06
N PHE B 109 3.52 7.08 -7.55
CA PHE B 109 2.34 6.94 -8.41
C PHE B 109 2.34 7.96 -9.59
N SER B 110 2.83 9.18 -9.36
CA SER B 110 2.92 10.18 -10.45
CA SER B 110 2.97 10.21 -10.44
C SER B 110 3.89 9.71 -11.55
N LYS B 111 4.98 9.09 -11.15
CA LYS B 111 5.94 8.55 -12.11
C LYS B 111 5.44 7.31 -12.88
N ILE B 112 4.73 6.41 -12.22
CA ILE B 112 4.02 5.28 -12.87
C ILE B 112 3.05 5.80 -13.96
N LYS B 113 2.28 6.81 -13.61
CA LYS B 113 1.34 7.38 -14.55
C LYS B 113 2.04 8.08 -15.71
N GLU B 114 3.00 8.95 -15.43
CA GLU B 114 3.79 9.61 -16.48
C GLU B 114 4.30 8.63 -17.52
N ALA B 115 4.87 7.53 -17.05
CA ALA B 115 5.38 6.47 -17.92
C ALA B 115 4.33 5.67 -18.68
N GLY B 116 3.05 5.88 -18.41
CA GLY B 116 2.00 5.08 -19.02
C GLY B 116 2.13 3.61 -18.68
N LEU B 117 2.74 3.30 -17.54
CA LEU B 117 3.03 1.95 -17.20
C LEU B 117 1.79 1.18 -16.76
N ILE B 118 1.59 0.06 -17.45
CA ILE B 118 0.35 -0.69 -17.42
C ILE B 118 0.67 -2.17 -17.48
N ASP B 119 -0.33 -2.99 -17.18
CA ASP B 119 -0.07 -4.38 -16.78
C ASP B 119 -0.17 -5.38 -17.93
#